data_9U4L
#
_entry.id   9U4L
#
_cell.length_a   1.00
_cell.length_b   1.00
_cell.length_c   1.00
_cell.angle_alpha   90.00
_cell.angle_beta   90.00
_cell.angle_gamma   90.00
#
_symmetry.space_group_name_H-M   'P 1'
#
_entity_poly.entity_id   1
_entity_poly.type   'polypeptide(L)'
_entity_poly.pdbx_seq_one_letter_code
;MDVTIQHPWFKRTLGPFYPSRLFDQFFGEGLFEYDLLPFLSSTISPYYRQSLFRTVLDSGISEVRSDRDKFVIFLDVKHF
SPEDLTVKVQDDFVEIHGKHNERQDDHGYISREFHCRYRLPSNVDQSALSCSLSADGMLTFCGPKIQTGLDATHAERAIP
VSREEKPTSAPSS
;
_entity_poly.pdbx_strand_id   D,A,B,C,E,F
#
# COMPACT_ATOMS: atom_id res chain seq x y z
N ARG A 21 4.17 24.09 -13.26
CA ARG A 21 4.49 22.79 -12.61
C ARG A 21 5.29 21.89 -13.54
N LEU A 22 6.58 21.75 -13.24
CA LEU A 22 7.48 20.90 -14.01
C LEU A 22 7.40 19.47 -13.50
N PHE A 23 8.38 18.65 -13.88
CA PHE A 23 8.50 17.27 -13.41
C PHE A 23 8.03 17.15 -11.96
N ASP A 24 7.13 16.20 -11.73
CA ASP A 24 6.77 15.81 -10.38
C ASP A 24 5.85 14.60 -10.43
N GLN A 25 5.88 13.81 -9.36
CA GLN A 25 5.14 12.56 -9.28
C GLN A 25 4.16 12.65 -8.12
N PHE A 26 2.89 12.37 -8.41
CA PHE A 26 1.82 12.48 -7.43
C PHE A 26 1.07 11.16 -7.39
N PHE A 27 1.03 10.54 -6.22
CA PHE A 27 0.28 9.31 -5.98
C PHE A 27 -0.88 9.62 -5.04
N GLY A 28 -2.10 9.30 -5.48
CA GLY A 28 -3.28 9.53 -4.68
C GLY A 28 -4.01 8.24 -4.35
N GLU A 29 -4.07 7.91 -3.06
CA GLU A 29 -4.65 6.66 -2.61
C GLU A 29 -5.35 6.89 -1.28
N GLY A 30 -6.23 5.95 -0.93
CA GLY A 30 -6.90 6.00 0.35
C GLY A 30 -8.40 5.78 0.28
N LEU A 31 -9.10 6.19 1.34
CA LEU A 31 -10.55 6.02 1.43
C LEU A 31 -11.17 7.37 1.77
N PHE A 32 -12.27 7.70 1.11
CA PHE A 32 -12.97 8.97 1.30
C PHE A 32 -14.45 8.66 1.53
N GLU A 33 -14.89 8.70 2.78
CA GLU A 33 -16.25 8.38 3.16
C GLU A 33 -16.91 9.62 3.75
N TYR A 34 -18.14 9.90 3.31
CA TYR A 34 -18.90 11.05 3.78
C TYR A 34 -20.28 10.60 4.21
N ASP A 35 -20.68 10.99 5.42
CA ASP A 35 -22.04 10.78 5.92
C ASP A 35 -22.57 12.12 6.41
N LEU A 36 -23.72 12.53 5.87
CA LEU A 36 -24.24 13.86 6.13
C LEU A 36 -25.36 13.89 7.16
N LEU A 37 -26.31 12.97 7.08
CA LEU A 37 -27.40 12.94 8.05
C LEU A 37 -27.86 11.50 8.28
N PRO A 38 -27.04 10.68 8.92
CA PRO A 38 -27.48 9.31 9.24
C PRO A 38 -28.51 9.27 10.36
N PHE A 39 -29.74 8.89 10.02
CA PHE A 39 -30.78 8.68 11.02
C PHE A 39 -30.75 7.29 11.62
N LEU A 40 -30.68 6.25 10.79
CA LEU A 40 -30.42 4.90 11.28
C LEU A 40 -29.61 4.18 10.22
N SER A 41 -28.33 3.98 10.48
CA SER A 41 -27.44 3.38 9.49
C SER A 41 -26.28 2.71 10.21
N SER A 42 -25.55 1.88 9.47
CA SER A 42 -24.41 1.14 10.00
C SER A 42 -23.38 1.01 8.88
N THR A 43 -22.44 1.94 8.85
CA THR A 43 -21.38 1.91 7.85
C THR A 43 -20.24 1.04 8.36
N ILE A 44 -19.90 0.00 7.61
CA ILE A 44 -18.84 -0.94 7.95
C ILE A 44 -17.83 -0.87 6.80
N SER A 45 -16.74 -0.13 7.01
CA SER A 45 -15.73 0.09 5.97
C SER A 45 -14.34 -0.14 6.54
N PRO A 46 -13.99 -1.38 6.85
CA PRO A 46 -12.60 -1.67 7.25
C PRO A 46 -11.64 -1.31 6.14
N TYR A 47 -10.45 -0.85 6.53
CA TYR A 47 -9.42 -0.42 5.60
C TYR A 47 -8.13 -1.15 5.94
N TYR A 48 -7.83 -2.20 5.20
CA TYR A 48 -6.61 -2.98 5.35
C TYR A 48 -5.61 -2.50 4.31
N ARG A 49 -4.40 -2.17 4.76
CA ARG A 49 -3.37 -1.64 3.87
C ARG A 49 -2.08 -2.41 4.13
N GLN A 50 -1.45 -2.90 3.07
CA GLN A 50 -0.19 -3.63 3.17
C GLN A 50 0.70 -3.21 2.01
N SER A 51 1.76 -2.48 2.32
CA SER A 51 2.69 -1.98 1.32
C SER A 51 4.04 -2.67 1.48
N LEU A 52 4.41 -3.46 0.49
CA LEU A 52 5.69 -4.18 0.49
C LEU A 52 6.78 -3.27 -0.07
N PHE A 53 7.92 -3.86 -0.45
CA PHE A 53 9.07 -3.10 -0.91
C PHE A 53 8.65 -1.92 -1.77
N ARG A 54 9.08 -0.73 -1.36
CA ARG A 54 8.81 0.51 -2.08
C ARG A 54 10.09 1.31 -2.14
N THR A 55 10.55 1.60 -3.35
CA THR A 55 11.78 2.34 -3.57
C THR A 55 11.46 3.62 -4.33
N VAL A 56 11.77 4.76 -3.73
CA VAL A 56 11.53 6.06 -4.33
C VAL A 56 12.86 6.80 -4.38
N LEU A 57 13.29 7.16 -5.58
CA LEU A 57 14.56 7.82 -5.79
C LEU A 57 14.34 9.20 -6.40
N ASP A 58 15.19 10.15 -5.99
CA ASP A 58 15.19 11.49 -6.56
C ASP A 58 16.63 11.99 -6.60
N SER A 59 17.00 12.56 -7.74
CA SER A 59 18.37 13.00 -7.93
C SER A 59 18.40 14.12 -8.96
N GLY A 60 19.35 15.04 -8.80
CA GLY A 60 19.61 16.03 -9.82
C GLY A 60 20.39 15.41 -10.97
N ILE A 61 21.50 14.77 -10.63
CA ILE A 61 22.32 14.02 -11.59
C ILE A 61 22.52 12.62 -11.05
N SER A 62 22.24 11.63 -11.88
CA SER A 62 22.40 10.22 -11.51
C SER A 62 23.28 9.53 -12.54
N GLU A 63 24.42 9.04 -12.09
CA GLU A 63 25.37 8.31 -12.93
C GLU A 63 25.68 6.99 -12.24
N VAL A 64 25.25 5.88 -12.85
CA VAL A 64 25.44 4.55 -12.28
C VAL A 64 26.29 3.73 -13.26
N ARG A 65 27.33 3.11 -12.73
CA ARG A 65 28.24 2.28 -13.51
C ARG A 65 28.30 0.92 -12.87
N SER A 66 28.01 -0.12 -13.66
CA SER A 66 27.84 -1.47 -13.13
C SER A 66 28.79 -2.42 -13.83
N ASP A 67 28.74 -3.67 -13.38
CA ASP A 67 29.50 -4.77 -13.97
C ASP A 67 28.58 -5.98 -14.00
N ARG A 68 29.14 -7.16 -14.21
CA ARG A 68 28.31 -8.35 -14.39
C ARG A 68 27.58 -8.69 -13.10
N ASP A 69 26.58 -7.87 -12.75
CA ASP A 69 25.80 -8.06 -11.54
C ASP A 69 24.85 -9.23 -11.69
N LYS A 70 24.14 -9.52 -10.59
CA LYS A 70 23.05 -10.49 -10.59
C LYS A 70 21.98 -10.02 -9.63
N PHE A 71 20.79 -9.73 -10.16
CA PHE A 71 19.64 -9.33 -9.37
C PHE A 71 18.62 -10.46 -9.43
N VAL A 72 18.23 -10.96 -8.27
CA VAL A 72 17.34 -12.11 -8.16
C VAL A 72 16.19 -11.74 -7.22
N ILE A 73 14.96 -12.02 -7.64
CA ILE A 73 13.78 -11.84 -6.83
C ILE A 73 12.96 -13.12 -6.93
N PHE A 74 12.71 -13.74 -5.77
CA PHE A 74 12.10 -15.06 -5.70
C PHE A 74 10.79 -14.96 -4.94
N LEU A 75 9.70 -15.37 -5.57
CA LEU A 75 8.36 -15.25 -5.00
C LEU A 75 7.71 -16.63 -4.95
N ASP A 76 7.89 -17.32 -3.83
CA ASP A 76 7.16 -18.55 -3.56
C ASP A 76 5.96 -18.24 -2.69
N VAL A 77 4.76 -18.36 -3.26
CA VAL A 77 3.54 -17.99 -2.56
C VAL A 77 2.54 -19.13 -2.65
N LYS A 78 2.48 -19.95 -1.60
CA LYS A 78 1.49 -21.02 -1.50
C LYS A 78 0.18 -20.54 -0.91
N HIS A 79 -0.42 -19.49 -1.50
CA HIS A 79 -1.65 -18.93 -1.00
C HIS A 79 -2.74 -19.99 -0.92
N PHE A 80 -3.19 -20.30 0.30
CA PHE A 80 -4.22 -21.30 0.55
C PHE A 80 -5.38 -20.61 1.23
N SER A 81 -6.52 -20.54 0.53
CA SER A 81 -7.69 -19.86 1.08
C SER A 81 -8.96 -20.30 0.39
N PRO A 82 -9.46 -21.51 0.66
CA PRO A 82 -10.75 -21.91 0.12
C PRO A 82 -11.87 -21.03 0.66
N GLU A 83 -12.90 -20.82 -0.17
CA GLU A 83 -13.99 -19.92 0.16
C GLU A 83 -15.31 -20.68 0.10
N ASP A 84 -16.13 -20.50 1.15
CA ASP A 84 -17.47 -21.05 1.22
C ASP A 84 -18.44 -19.99 1.72
N LEU A 85 -18.27 -18.75 1.27
CA LEU A 85 -19.05 -17.64 1.79
C LEU A 85 -20.50 -17.73 1.34
N THR A 86 -21.34 -16.87 1.92
CA THR A 86 -22.75 -16.80 1.56
C THR A 86 -23.31 -15.49 2.10
N VAL A 87 -24.06 -14.78 1.25
CA VAL A 87 -24.65 -13.49 1.60
C VAL A 87 -26.16 -13.62 1.49
N LYS A 88 -26.87 -13.17 2.50
CA LYS A 88 -28.32 -13.30 2.59
C LYS A 88 -28.94 -11.93 2.89
N VAL A 89 -30.18 -11.74 2.46
CA VAL A 89 -30.89 -10.49 2.70
C VAL A 89 -32.31 -10.80 3.12
N ARG B 21 11.96 26.55 -1.14
CA ARG B 21 12.17 25.25 -0.44
C ARG B 21 12.90 24.25 -1.33
N LEU B 22 14.17 24.02 -1.00
CA LEU B 22 15.02 23.07 -1.72
C LEU B 22 14.81 21.67 -1.18
N PHE B 23 15.71 20.76 -1.51
CA PHE B 23 15.71 19.40 -0.99
C PHE B 23 15.21 19.35 0.45
N ASP B 24 14.22 18.49 0.70
CA ASP B 24 13.82 18.18 2.06
C ASP B 24 12.80 17.06 2.02
N GLN B 25 12.75 16.30 3.11
CA GLN B 25 11.90 15.12 3.22
C GLN B 25 10.91 15.32 4.36
N PHE B 26 9.63 15.14 4.06
CA PHE B 26 8.56 15.36 5.01
C PHE B 26 7.70 14.11 5.08
N PHE B 27 7.58 13.54 6.27
CA PHE B 27 6.73 12.38 6.52
C PHE B 27 5.58 12.81 7.43
N GLY B 28 4.36 12.59 6.97
CA GLY B 28 3.18 12.95 7.75
C GLY B 28 2.35 11.73 8.10
N GLU B 29 2.23 11.45 9.40
CA GLU B 29 1.54 10.27 9.88
C GLU B 29 0.83 10.59 11.18
N GLY B 30 -0.13 9.74 11.55
CA GLY B 30 -0.81 9.90 12.82
C GLY B 30 -2.31 9.80 12.72
N LEU B 31 -3.01 10.30 13.74
CA LEU B 31 -4.46 10.26 13.82
C LEU B 31 -4.97 11.66 14.10
N PHE B 32 -6.03 12.06 13.41
CA PHE B 32 -6.62 13.38 13.56
C PHE B 32 -8.13 13.21 13.75
N GLU B 33 -8.57 13.33 15.00
CA GLU B 33 -9.98 13.14 15.37
C GLU B 33 -10.54 14.44 15.90
N TYR B 34 -11.72 14.81 15.44
CA TYR B 34 -12.39 16.03 15.85
C TYR B 34 -13.83 15.71 16.26
N ASP B 35 -14.21 16.17 17.44
CA ASP B 35 -15.59 16.09 17.93
C ASP B 35 -16.01 17.49 18.35
N LEU B 36 -17.11 17.97 17.79
CA LEU B 36 -17.53 19.36 18.00
C LEU B 36 -18.65 19.51 19.01
N LEU B 37 -19.68 18.67 18.94
CA LEU B 37 -20.79 18.76 19.88
C LEU B 37 -21.36 17.37 20.15
N PRO B 38 -20.63 16.51 20.84
CA PRO B 38 -21.19 15.19 21.19
C PRO B 38 -22.23 15.28 22.28
N PHE B 39 -23.49 14.98 21.93
CA PHE B 39 -24.56 14.90 22.92
C PHE B 39 -24.66 13.53 23.56
N LEU B 40 -24.66 12.46 22.77
CA LEU B 40 -24.51 11.11 23.32
C LEU B 40 -23.76 10.29 22.29
N SER B 41 -22.50 9.99 22.58
CA SER B 41 -21.65 9.28 21.63
C SER B 41 -20.57 8.55 22.39
N SER B 42 -19.89 7.64 21.68
CA SER B 42 -18.83 6.83 22.27
C SER B 42 -17.80 6.58 21.17
N THR B 43 -16.77 7.42 21.12
CA THR B 43 -15.70 7.26 20.15
C THR B 43 -14.64 6.32 20.72
N ILE B 44 -14.39 5.23 19.99
CA ILE B 44 -13.41 4.23 20.39
C ILE B 44 -12.38 4.17 19.27
N SER B 45 -11.24 4.82 19.46
CA SER B 45 -10.20 4.92 18.44
C SER B 45 -8.83 4.60 19.04
N PRO B 46 -8.59 3.34 19.40
CA PRO B 46 -7.26 2.95 19.83
C PRO B 46 -6.24 3.20 18.73
N TYR B 47 -5.03 3.57 19.14
CA TYR B 47 -3.94 3.88 18.20
C TYR B 47 -2.72 3.06 18.60
N TYR B 48 -2.50 1.96 17.89
CA TYR B 48 -1.35 1.09 18.10
C TYR B 48 -0.30 1.45 17.06
N ARG B 49 0.92 1.69 17.51
CA ARG B 49 2.02 2.11 16.63
C ARG B 49 3.23 1.24 16.95
N GLN B 50 3.83 0.66 15.92
CA GLN B 50 5.02 -0.16 16.07
C GLN B 50 5.96 0.14 14.91
N SER B 51 7.09 0.79 15.21
CA SER B 51 8.07 1.17 14.21
C SER B 51 9.34 0.38 14.43
N LEU B 52 9.67 -0.47 13.46
CA LEU B 52 10.88 -1.29 13.52
C LEU B 52 12.05 -0.50 12.95
N PHE B 53 13.15 -1.18 12.62
CA PHE B 53 14.37 -0.55 12.15
C PHE B 53 14.07 0.65 11.25
N ARG B 54 14.58 1.81 11.63
CA ARG B 54 14.42 3.04 10.86
C ARG B 54 15.78 3.73 10.80
N THR B 55 16.27 3.94 9.60
CA THR B 55 17.57 4.57 9.37
C THR B 55 17.37 5.84 8.57
N VAL B 56 17.77 6.97 9.14
CA VAL B 56 17.65 8.27 8.50
C VAL B 56 19.03 8.89 8.44
N LEU B 57 19.51 9.18 7.24
CA LEU B 57 20.84 9.73 7.04
C LEU B 57 20.74 11.10 6.39
N ASP B 58 21.66 11.98 6.77
CA ASP B 58 21.78 13.30 6.18
C ASP B 58 23.25 13.68 6.14
N SER B 59 23.69 14.18 4.99
CA SER B 59 25.10 14.50 4.81
C SER B 59 25.24 15.58 3.74
N GLY B 60 26.26 16.41 3.90
CA GLY B 60 26.62 17.35 2.85
C GLY B 60 27.36 16.63 1.74
N ILE B 61 28.41 15.91 2.12
CA ILE B 61 29.18 15.07 1.20
C ILE B 61 29.26 13.68 1.80
N SER B 62 28.91 12.67 0.99
CA SER B 62 28.93 11.28 1.41
C SER B 62 29.77 10.49 0.42
N GLU B 63 30.87 9.91 0.90
CA GLU B 63 31.75 9.08 0.10
C GLU B 63 31.95 7.76 0.83
N VAL B 64 31.44 6.67 0.25
CA VAL B 64 31.51 5.35 0.86
C VAL B 64 32.30 4.44 -0.07
N ARG B 65 33.28 3.75 0.50
CA ARG B 65 34.13 2.83 -0.24
C ARG B 65 34.06 1.47 0.45
N SER B 66 33.72 0.45 -0.31
CA SER B 66 33.41 -0.86 0.25
C SER B 66 34.28 -1.93 -0.39
N ASP B 67 34.12 -3.15 0.09
CA ASP B 67 34.81 -4.32 -0.44
C ASP B 67 33.79 -5.45 -0.46
N ARG B 68 34.25 -6.69 -0.62
CA ARG B 68 33.33 -7.80 -0.78
C ARG B 68 32.54 -8.04 0.50
N ASP B 69 31.62 -7.13 0.81
CA ASP B 69 30.80 -7.21 2.01
C ASP B 69 29.75 -8.30 1.88
N LYS B 70 29.00 -8.50 2.96
CA LYS B 70 27.84 -9.37 2.98
C LYS B 70 26.79 -8.78 3.91
N PHE B 71 25.64 -8.41 3.34
CA PHE B 71 24.51 -7.90 4.09
C PHE B 71 23.40 -8.93 4.05
N VAL B 72 22.96 -9.37 5.23
CA VAL B 72 21.96 -10.43 5.35
C VAL B 72 20.84 -9.93 6.25
N ILE B 73 19.61 -10.14 5.81
CA ILE B 73 18.42 -9.82 6.59
C ILE B 73 17.51 -11.04 6.53
N PHE B 74 17.18 -11.59 7.69
CA PHE B 74 16.47 -12.87 7.79
C PHE B 74 15.16 -12.62 8.53
N LEU B 75 14.05 -12.97 7.89
CA LEU B 75 12.71 -12.71 8.43
C LEU B 75 11.95 -14.03 8.51
N ASP B 76 12.06 -14.69 9.66
CA ASP B 76 11.22 -15.86 9.94
C ASP B 76 10.03 -15.42 10.79
N VAL B 77 8.84 -15.46 10.20
CA VAL B 77 7.64 -14.96 10.85
C VAL B 77 6.54 -16.02 10.79
N LYS B 78 6.40 -16.80 11.86
CA LYS B 78 5.32 -17.78 11.97
C LYS B 78 4.04 -17.17 12.52
N HIS B 79 3.56 -16.10 11.89
CA HIS B 79 2.36 -15.41 12.35
C HIS B 79 1.19 -16.38 12.45
N PHE B 80 0.69 -16.60 13.66
CA PHE B 80 -0.42 -17.52 13.92
C PHE B 80 -1.55 -16.71 14.55
N SER B 81 -2.65 -16.56 13.82
CA SER B 81 -3.76 -15.78 14.33
C SER B 81 -5.06 -16.14 13.62
N PRO B 82 -5.66 -17.29 13.93
CA PRO B 82 -6.97 -17.59 13.38
C PRO B 82 -8.02 -16.60 13.86
N GLU B 83 -9.01 -16.34 13.02
CA GLU B 83 -10.04 -15.34 13.29
C GLU B 83 -11.41 -15.99 13.24
N ASP B 84 -12.23 -15.70 14.26
CA ASP B 84 -13.62 -16.14 14.32
C ASP B 84 -14.51 -14.99 14.77
N LEU B 85 -14.22 -13.78 14.28
CA LEU B 85 -14.91 -12.59 14.75
C LEU B 85 -16.36 -12.58 14.27
N THR B 86 -17.13 -11.64 14.81
CA THR B 86 -18.52 -11.45 14.42
C THR B 86 -18.99 -10.09 14.90
N VAL B 87 -19.66 -9.35 14.03
CA VAL B 87 -20.14 -8.01 14.32
C VAL B 87 -21.66 -8.01 14.18
N LYS B 88 -22.35 -7.46 15.18
CA LYS B 88 -23.80 -7.47 15.23
C LYS B 88 -24.30 -6.06 15.48
N VAL B 89 -25.51 -5.77 15.02
CA VAL B 89 -26.13 -4.47 15.21
C VAL B 89 -27.58 -4.63 15.61
N ARG C 21 9.36 25.69 -5.27
CA ARG C 21 9.60 24.39 -4.59
C ARG C 21 10.35 23.41 -5.49
N LEU C 22 11.63 23.22 -5.18
CA LEU C 22 12.49 22.30 -5.91
C LEU C 22 12.33 20.88 -5.37
N PHE C 23 13.26 20.00 -5.72
CA PHE C 23 13.30 18.64 -5.21
C PHE C 23 12.81 18.57 -3.76
N ASP C 24 11.85 17.68 -3.51
CA ASP C 24 11.47 17.34 -2.16
C ASP C 24 10.47 16.20 -2.20
N GLN C 25 10.45 15.42 -1.11
CA GLN C 25 9.64 14.22 -1.00
C GLN C 25 8.65 14.40 0.14
N PHE C 26 7.38 14.18 -0.16
CA PHE C 26 6.31 14.37 0.81
C PHE C 26 5.47 13.09 0.87
N PHE C 27 5.39 12.50 2.07
CA PHE C 27 4.57 11.33 2.31
C PHE C 27 3.42 11.71 3.23
N GLY C 28 2.20 11.46 2.78
CA GLY C 28 1.02 11.78 3.56
C GLY C 28 0.22 10.54 3.91
N GLU C 29 0.12 10.24 5.21
CA GLU C 29 -0.54 9.04 5.69
C GLU C 29 -1.23 9.33 7.00
N GLY C 30 -2.16 8.45 7.37
CA GLY C 30 -2.85 8.57 8.63
C GLY C 30 -4.36 8.43 8.55
N LEU C 31 -5.05 8.91 9.58
CA LEU C 31 -6.50 8.82 9.67
C LEU C 31 -7.05 10.21 9.98
N PHE C 32 -8.13 10.58 9.29
CA PHE C 32 -8.76 11.90 9.44
C PHE C 32 -10.25 11.68 9.64
N GLU C 33 -10.70 11.77 10.89
CA GLU C 33 -12.08 11.53 11.27
C GLU C 33 -12.68 12.82 11.82
N TYR C 34 -13.88 13.16 11.36
CA TYR C 34 -14.58 14.36 11.79
C TYR C 34 -16.01 14.00 12.20
N ASP C 35 -16.39 14.43 13.40
CA ASP C 35 -17.76 14.32 13.89
C ASP C 35 -18.23 15.69 14.34
N LEU C 36 -19.35 16.15 13.78
CA LEU C 36 -19.79 17.52 14.00
C LEU C 36 -20.92 17.63 15.02
N LEU C 37 -21.92 16.77 14.95
CA LEU C 37 -23.02 16.82 15.90
C LEU C 37 -23.56 15.42 16.16
N PRO C 38 -22.78 14.56 16.85
CA PRO C 38 -23.31 13.23 17.18
C PRO C 38 -24.36 13.27 18.29
N PHE C 39 -25.60 12.94 17.95
CA PHE C 39 -26.67 12.83 18.94
C PHE C 39 -26.71 11.45 19.57
N LEU C 40 -26.69 10.39 18.77
CA LEU C 40 -26.50 9.04 19.30
C LEU C 40 -25.74 8.25 18.26
N SER C 41 -24.46 7.98 18.55
CA SER C 41 -23.60 7.31 17.58
C SER C 41 -22.49 6.60 18.33
N SER C 42 -21.80 5.71 17.61
CA SER C 42 -20.70 4.93 18.17
C SER C 42 -19.68 4.72 17.07
N THR C 43 -18.68 5.59 17.03
CA THR C 43 -17.61 5.46 16.05
C THR C 43 -16.52 4.55 16.60
N ILE C 44 -16.23 3.48 15.86
CA ILE C 44 -15.24 2.50 16.24
C ILE C 44 -14.20 2.47 15.12
N SER C 45 -13.08 3.16 15.32
CA SER C 45 -12.05 3.30 14.29
C SER C 45 -10.68 3.02 14.88
N PRO C 46 -10.40 1.75 15.23
CA PRO C 46 -9.04 1.39 15.64
C PRO C 46 -8.04 1.68 14.54
N TYR C 47 -6.84 2.09 14.94
CA TYR C 47 -5.77 2.43 14.00
C TYR C 47 -4.52 1.65 14.38
N TYR C 48 -4.28 0.55 13.66
CA TYR C 48 -3.11 -0.28 13.86
C TYR C 48 -2.07 0.11 12.81
N ARG C 49 -0.85 0.39 13.26
CA ARG C 49 0.22 0.84 12.37
C ARG C 49 1.46 0.01 12.68
N GLN C 50 2.07 -0.55 11.63
CA GLN C 50 3.28 -1.33 11.76
C GLN C 50 4.20 -0.99 10.61
N SER C 51 5.31 -0.33 10.91
CA SER C 51 6.28 0.10 9.90
C SER C 51 7.58 -0.66 10.10
N LEU C 52 7.92 -1.49 9.13
CA LEU C 52 9.15 -2.27 9.18
C LEU C 52 10.29 -1.45 8.60
N PHE C 53 11.41 -2.10 8.26
CA PHE C 53 12.62 -1.43 7.79
C PHE C 53 12.27 -0.24 6.90
N ARG C 54 12.75 0.93 7.29
CA ARG C 54 12.56 2.16 6.53
C ARG C 54 13.89 2.89 6.47
N THR C 55 14.37 3.13 5.26
CA THR C 55 15.65 3.79 5.03
C THR C 55 15.40 5.07 4.24
N VAL C 56 15.77 6.20 4.81
CA VAL C 56 15.62 7.50 4.18
C VAL C 56 16.98 8.17 4.13
N LEU C 57 17.44 8.48 2.92
CA LEU C 57 18.75 9.06 2.71
C LEU C 57 18.61 10.43 2.07
N ASP C 58 19.50 11.34 2.46
CA ASP C 58 19.58 12.67 1.87
C ASP C 58 21.05 13.09 1.83
N SER C 59 21.47 13.61 0.68
CA SER C 59 22.86 13.97 0.49
C SER C 59 22.97 15.06 -0.56
N GLY C 60 23.96 15.92 -0.41
CA GLY C 60 24.28 16.87 -1.46
C GLY C 60 25.04 16.19 -2.58
N ILE C 61 26.11 15.49 -2.21
CA ILE C 61 26.90 14.68 -3.14
C ILE C 61 27.02 13.28 -2.57
N SER C 62 26.69 12.28 -3.37
CA SER C 62 26.77 10.89 -2.96
C SER C 62 27.62 10.12 -3.97
N GLU C 63 28.73 9.58 -3.48
CA GLU C 63 29.63 8.77 -4.31
C GLU C 63 29.87 7.45 -3.58
N VAL C 64 29.39 6.36 -4.16
CA VAL C 64 29.51 5.04 -3.57
C VAL C 64 30.31 4.16 -4.50
N ARG C 65 31.32 3.49 -3.96
CA ARG C 65 32.19 2.59 -4.71
C ARG C 65 32.16 1.23 -4.03
N SER C 66 31.83 0.20 -4.79
CA SER C 66 31.57 -1.12 -4.25
C SER C 66 32.47 -2.16 -4.90
N ASP C 67 32.34 -3.39 -4.43
CA ASP C 67 33.06 -4.53 -4.97
C ASP C 67 32.08 -5.68 -4.99
N ARG C 68 32.56 -6.91 -5.16
CA ARG C 68 31.67 -8.04 -5.32
C ARG C 68 30.91 -8.32 -4.04
N ASP C 69 29.96 -7.44 -3.72
CA ASP C 69 29.16 -7.55 -2.51
C ASP C 69 28.13 -8.67 -2.65
N LYS C 70 27.41 -8.90 -1.56
CA LYS C 70 26.26 -9.81 -1.54
C LYS C 70 25.20 -9.25 -0.60
N PHE C 71 24.04 -8.92 -1.16
CA PHE C 71 22.90 -8.43 -0.40
C PHE C 71 21.82 -9.50 -0.43
N VAL C 72 21.40 -9.96 0.74
CA VAL C 72 20.43 -11.05 0.86
C VAL C 72 19.31 -10.59 1.78
N ILE C 73 18.07 -10.82 1.35
CA ILE C 73 16.89 -10.55 2.13
C ILE C 73 16.01 -11.79 2.07
N PHE C 74 15.71 -12.36 3.23
CA PHE C 74 15.03 -13.65 3.32
C PHE C 74 13.71 -13.44 4.07
N LEU C 75 12.60 -13.82 3.43
CA LEU C 75 11.27 -13.61 3.98
C LEU C 75 10.54 -14.95 4.06
N ASP C 76 10.68 -15.62 5.20
CA ASP C 76 9.88 -16.81 5.49
C ASP C 76 8.69 -16.41 6.34
N VAL C 77 7.49 -16.48 5.76
CA VAL C 77 6.28 -16.02 6.43
C VAL C 77 5.21 -17.10 6.36
N LYS C 78 5.10 -17.90 7.43
CA LYS C 78 4.06 -18.90 7.54
C LYS C 78 2.76 -18.33 8.10
N HIS C 79 2.24 -17.27 7.48
CA HIS C 79 1.03 -16.63 7.96
C HIS C 79 -0.11 -17.63 8.04
N PHE C 80 -0.59 -17.88 9.26
CA PHE C 80 -1.67 -18.82 9.52
C PHE C 80 -2.82 -18.06 10.17
N SER C 81 -3.94 -17.94 9.46
CA SER C 81 -5.07 -17.18 9.98
C SER C 81 -6.36 -17.57 9.27
N PRO C 82 -6.93 -18.74 9.58
CA PRO C 82 -8.24 -19.08 9.03
C PRO C 82 -9.31 -18.12 9.53
N GLU C 83 -10.31 -17.88 8.70
CA GLU C 83 -11.36 -16.92 8.99
C GLU C 83 -12.72 -17.61 8.93
N ASP C 84 -13.53 -17.35 9.95
CA ASP C 84 -14.91 -17.82 10.02
C ASP C 84 -15.83 -16.70 10.49
N LEU C 85 -15.58 -15.49 10.02
CA LEU C 85 -16.31 -14.31 10.50
C LEU C 85 -17.76 -14.34 10.03
N THR C 86 -18.55 -13.42 10.57
CA THR C 86 -19.95 -13.28 10.20
C THR C 86 -20.45 -11.93 10.69
N VAL C 87 -21.14 -11.20 9.83
CA VAL C 87 -21.66 -9.88 10.13
C VAL C 87 -23.17 -9.93 10.00
N LYS C 88 -23.87 -9.41 11.01
CA LYS C 88 -25.33 -9.45 11.06
C LYS C 88 -25.87 -8.05 11.34
N VAL C 89 -27.08 -7.80 10.87
CA VAL C 89 -27.73 -6.52 11.09
C VAL C 89 -29.19 -6.72 11.49
N ARG D 21 6.65 24.97 -9.18
CA ARG D 21 6.93 23.67 -8.52
C ARG D 21 7.71 22.73 -9.44
N LEU D 22 8.99 22.57 -9.14
CA LEU D 22 9.88 21.70 -9.89
C LEU D 22 9.77 20.27 -9.38
N PHE D 23 10.72 19.41 -9.74
CA PHE D 23 10.80 18.04 -9.25
C PHE D 23 10.32 17.94 -7.81
N ASP D 24 9.39 17.02 -7.57
CA ASP D 24 9.02 16.65 -6.21
C ASP D 24 8.06 15.48 -6.27
N GLN D 25 8.07 14.69 -5.19
CA GLN D 25 7.31 13.46 -5.10
C GLN D 25 6.31 13.58 -3.95
N PHE D 26 5.03 13.34 -4.25
CA PHE D 26 3.97 13.48 -3.26
C PHE D 26 3.18 12.17 -3.22
N PHE D 27 3.12 11.57 -2.03
CA PHE D 27 2.34 10.36 -1.80
C PHE D 27 1.18 10.71 -0.87
N GLY D 28 -0.04 10.42 -1.32
CA GLY D 28 -1.22 10.69 -0.52
C GLY D 28 -1.98 9.43 -0.18
N GLU D 29 -2.06 9.11 1.10
CA GLU D 29 -2.68 7.87 1.57
C GLU D 29 -3.38 8.13 2.89
N GLY D 30 -4.29 7.22 3.24
CA GLY D 30 -4.96 7.29 4.52
C GLY D 30 -6.46 7.12 4.44
N LEU D 31 -7.16 7.55 5.49
CA LEU D 31 -8.62 7.43 5.58
C LEU D 31 -9.19 8.79 5.91
N PHE D 32 -10.29 9.14 5.24
CA PHE D 32 -10.96 10.44 5.41
C PHE D 32 -12.44 10.17 5.63
N GLU D 33 -12.88 10.23 6.88
CA GLU D 33 -14.26 9.95 7.26
C GLU D 33 -14.89 11.21 7.83
N TYR D 34 -16.11 11.51 7.39
CA TYR D 34 -16.84 12.69 7.85
C TYR D 34 -18.24 12.28 8.26
N ASP D 35 -18.63 12.69 9.47
CA ASP D 35 -19.99 12.52 9.97
C ASP D 35 -20.49 13.87 10.44
N LEU D 36 -21.63 14.31 9.89
CA LEU D 36 -22.11 15.66 10.14
C LEU D 36 -23.23 15.73 11.16
N LEU D 37 -24.21 14.84 11.09
CA LEU D 37 -25.31 14.84 12.05
C LEU D 37 -25.81 13.42 12.29
N PRO D 38 -25.01 12.57 12.95
CA PRO D 38 -25.48 11.22 13.28
C PRO D 38 -26.53 11.22 14.38
N PHE D 39 -27.77 10.86 14.04
CA PHE D 39 -28.81 10.70 15.04
C PHE D 39 -28.83 9.31 15.65
N LEU D 40 -28.78 8.27 14.83
CA LEU D 40 -28.55 6.91 15.34
C LEU D 40 -27.76 6.17 14.28
N SER D 41 -26.48 5.92 14.55
CA SER D 41 -25.61 5.30 13.58
C SER D 41 -24.47 4.60 14.30
N SER D 42 -23.77 3.75 13.57
CA SER D 42 -22.64 2.98 14.12
C SER D 42 -21.61 2.82 13.00
N THR D 43 -20.64 3.72 12.96
CA THR D 43 -19.58 3.65 11.98
C THR D 43 -18.45 2.76 12.50
N ILE D 44 -18.15 1.71 11.75
CA ILE D 44 -17.12 0.75 12.11
C ILE D 44 -16.10 0.77 10.98
N SER D 45 -15.00 1.49 11.18
CA SER D 45 -13.97 1.67 10.15
C SER D 45 -12.59 1.41 10.72
N PRO D 46 -12.28 0.16 11.05
CA PRO D 46 -10.90 -0.16 11.46
C PRO D 46 -9.91 0.17 10.34
N TYR D 47 -8.72 0.59 10.74
CA TYR D 47 -7.67 1.00 9.81
C TYR D 47 -6.40 0.23 10.17
N TYR D 48 -6.13 -0.84 9.43
CA TYR D 48 -4.93 -1.64 9.59
C TYR D 48 -3.91 -1.20 8.55
N ARG D 49 -2.70 -0.89 9.00
CA ARG D 49 -1.65 -0.41 8.12
C ARG D 49 -0.38 -1.21 8.40
N GLN D 50 0.24 -1.72 7.34
CA GLN D 50 1.48 -2.48 7.46
C GLN D 50 2.38 -2.09 6.29
N SER D 51 3.47 -1.40 6.60
CA SER D 51 4.41 -0.92 5.60
C SER D 51 5.73 -1.66 5.78
N LEU D 52 6.09 -2.46 4.79
CA LEU D 52 7.35 -3.21 4.81
C LEU D 52 8.47 -2.34 4.24
N PHE D 53 9.60 -2.95 3.89
CA PHE D 53 10.78 -2.23 3.42
C PHE D 53 10.39 -1.05 2.55
N ARG D 54 10.84 0.14 2.96
CA ARG D 54 10.61 1.36 2.21
C ARG D 54 11.91 2.14 2.16
N THR D 55 12.38 2.42 0.94
CA THR D 55 13.63 3.11 0.73
C THR D 55 13.35 4.39 -0.05
N VAL D 56 13.70 5.52 0.55
CA VAL D 56 13.49 6.83 -0.06
C VAL D 56 14.84 7.53 -0.12
N LEU D 57 15.28 7.88 -1.32
CA LEU D 57 16.57 8.51 -1.53
C LEU D 57 16.39 9.88 -2.15
N ASP D 58 17.26 10.80 -1.75
CA ASP D 58 17.30 12.14 -2.32
C ASP D 58 18.75 12.60 -2.36
N SER D 59 19.15 13.16 -3.50
CA SER D 59 20.53 13.56 -3.69
C SER D 59 20.59 14.67 -4.73
N GLY D 60 21.57 15.56 -4.57
CA GLY D 60 21.86 16.54 -5.60
C GLY D 60 22.62 15.89 -6.73
N ILE D 61 23.71 15.22 -6.40
CA ILE D 61 24.52 14.45 -7.34
C ILE D 61 24.69 13.05 -6.79
N SER D 62 24.38 12.05 -7.60
CA SER D 62 24.50 10.64 -7.22
C SER D 62 25.37 9.92 -8.24
N GLU D 63 26.50 9.40 -7.78
CA GLU D 63 27.41 8.64 -8.61
C GLU D 63 27.69 7.32 -7.91
N VAL D 64 27.24 6.21 -8.51
CA VAL D 64 27.39 4.89 -7.94
C VAL D 64 28.22 4.04 -8.90
N ARG D 65 29.25 3.40 -8.36
CA ARG D 65 30.14 2.54 -9.13
C ARG D 65 30.15 1.17 -8.48
N SER D 66 29.85 0.14 -9.26
CA SER D 66 29.63 -1.19 -8.72
C SER D 66 30.57 -2.19 -9.41
N ASP D 67 30.47 -3.43 -8.95
CA ASP D 67 31.22 -4.55 -9.52
C ASP D 67 30.26 -5.73 -9.55
N ARG D 68 30.79 -6.93 -9.74
CA ARG D 68 29.93 -8.10 -9.92
C ARG D 68 29.18 -8.42 -8.63
N ASP D 69 28.22 -7.56 -8.29
CA ASP D 69 27.42 -7.72 -7.09
C ASP D 69 26.42 -8.87 -7.23
N LYS D 70 25.71 -9.13 -6.14
CA LYS D 70 24.60 -10.06 -6.13
C LYS D 70 23.53 -9.57 -5.18
N PHE D 71 22.36 -9.25 -5.72
CA PHE D 71 21.20 -8.81 -4.94
C PHE D 71 20.15 -9.91 -4.99
N VAL D 72 19.75 -10.40 -3.83
CA VAL D 72 18.82 -11.51 -3.72
C VAL D 72 17.69 -11.11 -2.78
N ILE D 73 16.46 -11.37 -3.21
CA ILE D 73 15.26 -11.14 -2.41
C ILE D 73 14.43 -12.40 -2.49
N PHE D 74 14.14 -13.00 -1.34
CA PHE D 74 13.51 -14.31 -1.26
C PHE D 74 12.20 -14.17 -0.50
N LEU D 75 11.10 -14.55 -1.14
CA LEU D 75 9.76 -14.40 -0.57
C LEU D 75 9.07 -15.75 -0.52
N ASP D 76 9.23 -16.44 0.61
CA ASP D 76 8.47 -17.65 0.88
C ASP D 76 7.26 -17.30 1.75
N VAL D 77 6.07 -17.39 1.18
CA VAL D 77 4.85 -16.99 1.87
C VAL D 77 3.82 -18.10 1.79
N LYS D 78 3.73 -18.91 2.83
CA LYS D 78 2.72 -19.95 2.94
C LYS D 78 1.41 -19.43 3.51
N HIS D 79 0.86 -18.37 2.92
CA HIS D 79 -0.37 -17.77 3.41
C HIS D 79 -1.48 -18.81 3.49
N PHE D 80 -1.95 -19.08 4.71
CA PHE D 80 -3.00 -20.07 4.96
C PHE D 80 -4.16 -19.34 5.63
N SER D 81 -5.29 -19.24 4.92
CA SER D 81 -6.43 -18.53 5.47
C SER D 81 -7.72 -18.95 4.76
N PRO D 82 -8.24 -20.14 5.04
CA PRO D 82 -9.55 -20.50 4.50
C PRO D 82 -10.64 -19.58 5.03
N GLU D 83 -11.65 -19.36 4.19
CA GLU D 83 -12.74 -18.44 4.51
C GLU D 83 -14.08 -19.15 4.46
N ASP D 84 -14.89 -18.94 5.49
CA ASP D 84 -16.25 -19.45 5.55
C ASP D 84 -17.20 -18.36 6.05
N LEU D 85 -16.99 -17.14 5.59
CA LEU D 85 -17.74 -16.00 6.09
C LEU D 85 -19.19 -16.06 5.64
N THR D 86 -20.01 -15.17 6.20
CA THR D 86 -21.41 -15.06 5.83
C THR D 86 -21.95 -13.74 6.36
N VAL D 87 -22.66 -13.02 5.51
CA VAL D 87 -23.23 -11.71 5.84
C VAL D 87 -24.74 -11.80 5.72
N LYS D 88 -25.44 -11.32 6.74
CA LYS D 88 -26.90 -11.41 6.80
C LYS D 88 -27.47 -10.03 7.10
N VAL D 89 -28.70 -9.80 6.65
CA VAL D 89 -29.38 -8.53 6.89
C VAL D 89 -30.83 -8.80 7.30
N ARG E 21 1.57 23.27 -17.19
CA ARG E 21 1.93 21.97 -16.57
C ARG E 21 2.74 21.09 -17.52
N LEU E 22 4.03 21.00 -17.23
CA LEU E 22 4.96 20.19 -18.01
C LEU E 22 4.93 18.75 -17.53
N PHE E 23 5.92 17.95 -17.93
CA PHE E 23 6.08 16.58 -17.47
C PHE E 23 5.63 16.42 -16.03
N ASP E 24 4.75 15.44 -15.79
CA ASP E 24 4.42 15.03 -14.44
C ASP E 24 3.53 13.80 -14.50
N GLN E 25 3.60 12.99 -13.45
CA GLN E 25 2.89 11.72 -13.38
C GLN E 25 1.92 11.77 -12.21
N PHE E 26 0.65 11.46 -12.49
CA PHE E 26 -0.41 11.52 -11.51
C PHE E 26 -1.12 10.18 -11.48
N PHE E 27 -1.13 9.54 -10.30
CA PHE E 27 -1.85 8.29 -10.09
C PHE E 27 -3.01 8.55 -9.14
N GLY E 28 -4.22 8.20 -9.57
CA GLY E 28 -5.40 8.39 -8.76
C GLY E 28 -6.09 7.08 -8.44
N GLU E 29 -6.13 6.73 -7.17
CA GLU E 29 -6.68 5.46 -6.72
C GLU E 29 -7.37 5.65 -5.38
N GLY E 30 -8.22 4.67 -5.04
CA GLY E 30 -8.88 4.68 -3.75
C GLY E 30 -10.38 4.43 -3.82
N LEU E 31 -11.08 4.80 -2.75
CA LEU E 31 -12.52 4.60 -2.65
C LEU E 31 -13.18 5.92 -2.28
N PHE E 32 -14.30 6.22 -2.93
CA PHE E 32 -15.02 7.48 -2.71
C PHE E 32 -16.49 7.12 -2.49
N GLU E 33 -16.92 7.13 -1.23
CA GLU E 33 -18.28 6.77 -0.85
C GLU E 33 -18.97 7.98 -0.23
N TYR E 34 -20.20 8.23 -0.65
CA TYR E 34 -20.99 9.36 -0.16
C TYR E 34 -22.37 8.86 0.26
N ASP E 35 -22.77 9.22 1.48
CA ASP E 35 -24.10 8.96 1.99
C ASP E 35 -24.67 10.28 2.50
N LEU E 36 -25.84 10.67 1.97
CA LEU E 36 -26.39 11.99 2.26
C LEU E 36 -27.50 11.97 3.30
N LEU E 37 -28.43 11.02 3.21
CA LEU E 37 -29.52 10.95 4.18
C LEU E 37 -29.92 9.49 4.40
N PRO E 38 -29.08 8.68 5.03
CA PRO E 38 -29.48 7.30 5.33
C PRO E 38 -30.50 7.21 6.45
N PHE E 39 -31.72 6.79 6.12
CA PHE E 39 -32.75 6.56 7.12
C PHE E 39 -32.68 5.16 7.70
N LEU E 40 -32.59 4.14 6.86
CA LEU E 40 -32.28 2.79 7.33
C LEU E 40 -31.46 2.10 6.25
N SER E 41 -30.16 1.93 6.51
CA SER E 41 -29.27 1.36 5.50
C SER E 41 -28.09 0.72 6.21
N SER E 42 -27.35 -0.08 5.44
CA SER E 42 -26.18 -0.78 5.95
C SER E 42 -25.15 -0.87 4.82
N THR E 43 -24.24 0.08 4.80
CA THR E 43 -23.18 0.09 3.79
C THR E 43 -22.01 -0.75 4.28
N ILE E 44 -21.65 -1.77 3.51
CA ILE E 44 -20.56 -2.68 3.84
C ILE E 44 -19.56 -2.57 2.69
N SER E 45 -18.50 -1.80 2.89
CA SER E 45 -17.50 -1.54 1.85
C SER E 45 -16.10 -1.73 2.41
N PRO E 46 -15.71 -2.97 2.70
CA PRO E 46 -14.32 -3.24 3.08
C PRO E 46 -13.37 -2.83 1.97
N TYR E 47 -12.20 -2.34 2.36
CA TYR E 47 -11.18 -1.86 1.43
C TYR E 47 -9.86 -2.56 1.75
N TYR E 48 -9.54 -3.60 0.99
CA TYR E 48 -8.30 -4.34 1.12
C TYR E 48 -7.32 -3.82 0.08
N ARG E 49 -6.13 -3.46 0.51
CA ARG E 49 -5.11 -2.90 -0.37
C ARG E 49 -3.79 -3.62 -0.12
N GLN E 50 -3.17 -4.10 -1.19
CA GLN E 50 -1.89 -4.77 -1.11
C GLN E 50 -1.02 -4.32 -2.28
N SER E 51 0.03 -3.57 -1.97
CA SER E 51 0.93 -3.03 -2.97
C SER E 51 2.30 -3.69 -2.82
N LEU E 52 2.69 -4.45 -3.83
CA LEU E 52 3.99 -5.13 -3.85
C LEU E 52 5.05 -4.18 -4.40
N PHE E 53 6.20 -4.74 -4.79
CA PHE E 53 7.33 -3.94 -5.25
C PHE E 53 6.88 -2.76 -6.09
N ARG E 54 7.26 -1.56 -5.67
CA ARG E 54 6.95 -0.33 -6.37
C ARG E 54 8.21 0.51 -6.43
N THR E 55 8.65 0.85 -7.64
CA THR E 55 9.86 1.61 -7.85
C THR E 55 9.50 2.89 -8.60
N VAL E 56 9.78 4.03 -7.98
CA VAL E 56 9.50 5.33 -8.57
C VAL E 56 10.81 6.11 -8.62
N LEU E 57 11.22 6.51 -9.82
CA LEU E 57 12.47 7.21 -10.03
C LEU E 57 12.21 8.58 -10.62
N ASP E 58 13.03 9.55 -10.20
CA ASP E 58 12.99 10.89 -10.74
C ASP E 58 14.41 11.44 -10.79
N SER E 59 14.76 12.03 -11.93
CA SER E 59 16.11 12.52 -12.12
C SER E 59 16.11 13.65 -13.14
N GLY E 60 17.04 14.59 -12.98
CA GLY E 60 17.26 15.59 -13.99
C GLY E 60 18.04 15.02 -15.14
N ILE E 61 19.18 14.40 -14.83
CA ILE E 61 20.01 13.70 -15.80
C ILE E 61 20.25 12.30 -15.28
N SER E 62 19.99 11.30 -16.11
CA SER E 62 20.19 9.90 -15.76
C SER E 62 21.08 9.25 -16.81
N GLU E 63 22.25 8.78 -16.37
CA GLU E 63 23.20 8.08 -17.23
C GLU E 63 23.55 6.77 -16.58
N VAL E 64 23.15 5.66 -17.19
CA VAL E 64 23.39 4.32 -16.65
C VAL E 64 24.25 3.55 -17.63
N ARG E 65 25.31 2.95 -17.13
CA ARG E 65 26.24 2.16 -17.92
C ARG E 65 26.33 0.78 -17.29
N SER E 66 26.08 -0.25 -18.10
CA SER E 66 25.95 -1.61 -17.59
C SER E 66 26.92 -2.53 -18.31
N ASP E 67 26.90 -3.79 -17.88
CA ASP E 67 27.69 -4.85 -18.48
C ASP E 67 26.80 -6.08 -18.53
N ARG E 68 27.41 -7.26 -18.75
CA ARG E 68 26.60 -8.45 -18.95
C ARG E 68 25.89 -8.84 -17.66
N ASP E 69 24.88 -8.05 -17.29
CA ASP E 69 24.11 -8.28 -16.08
C ASP E 69 23.18 -9.48 -16.23
N LYS E 70 22.50 -9.80 -15.14
CA LYS E 70 21.43 -10.80 -15.14
C LYS E 70 20.36 -10.37 -14.16
N PHE E 71 19.16 -10.10 -14.68
CA PHE E 71 17.99 -9.76 -13.88
C PHE E 71 17.01 -10.90 -13.95
N VAL E 72 16.64 -11.44 -12.79
CA VAL E 72 15.78 -12.60 -12.68
C VAL E 72 14.64 -12.28 -11.74
N ILE E 73 13.42 -12.61 -12.16
CA ILE E 73 12.22 -12.46 -11.33
C ILE E 73 11.45 -13.76 -11.43
N PHE E 74 11.22 -14.40 -10.29
CA PHE E 74 10.66 -15.75 -10.23
C PHE E 74 9.35 -15.69 -9.46
N LEU E 75 8.26 -16.12 -10.08
CA LEU E 75 6.92 -16.05 -9.50
C LEU E 75 6.31 -17.44 -9.46
N ASP E 76 6.54 -18.14 -8.35
CA ASP E 76 5.84 -19.39 -8.11
C ASP E 76 4.62 -19.14 -7.22
N VAL E 77 3.44 -19.28 -7.78
CA VAL E 77 2.21 -18.95 -7.07
C VAL E 77 1.23 -20.12 -7.16
N LYS E 78 1.21 -20.96 -6.13
CA LYS E 78 0.25 -22.06 -6.04
C LYS E 78 -1.07 -21.61 -5.43
N HIS E 79 -1.69 -20.58 -5.99
CA HIS E 79 -2.95 -20.06 -5.47
C HIS E 79 -4.00 -21.16 -5.40
N PHE E 80 -4.44 -21.49 -4.19
CA PHE E 80 -5.43 -22.53 -3.95
C PHE E 80 -6.62 -21.89 -3.26
N SER E 81 -7.76 -21.83 -3.94
CA SER E 81 -8.93 -21.19 -3.37
C SER E 81 -10.20 -21.66 -4.06
N PRO E 82 -10.66 -22.88 -3.80
CA PRO E 82 -11.96 -23.32 -4.34
C PRO E 82 -13.09 -22.46 -3.78
N GLU E 83 -14.12 -22.28 -4.60
CA GLU E 83 -15.24 -21.42 -4.24
C GLU E 83 -16.54 -22.21 -4.30
N ASP E 84 -17.35 -22.06 -3.25
CA ASP E 84 -18.68 -22.65 -3.18
C ASP E 84 -19.68 -21.63 -2.65
N LEU E 85 -19.54 -20.38 -3.09
CA LEU E 85 -20.36 -19.29 -2.55
C LEU E 85 -21.81 -19.43 -2.99
N THR E 86 -22.66 -18.59 -2.39
CA THR E 86 -24.08 -18.56 -2.74
C THR E 86 -24.68 -17.27 -2.19
N VAL E 87 -25.45 -16.58 -3.01
CA VAL E 87 -26.08 -15.32 -2.64
C VAL E 87 -27.58 -15.48 -2.75
N LYS E 88 -28.30 -15.06 -1.71
CA LYS E 88 -29.74 -15.22 -1.62
C LYS E 88 -30.38 -13.89 -1.30
N VAL E 89 -31.63 -13.72 -1.72
CA VAL E 89 -32.38 -12.50 -1.45
C VAL E 89 -33.80 -12.85 -1.03
N ARG F 21 -1.12 22.37 -21.23
CA ARG F 21 -0.71 21.07 -20.61
C ARG F 21 0.12 20.23 -21.58
N LEU F 22 1.41 20.18 -21.30
CA LEU F 22 2.36 19.40 -22.10
C LEU F 22 2.37 17.96 -21.63
N PHE F 23 3.39 17.20 -22.04
CA PHE F 23 3.60 15.83 -21.60
C PHE F 23 3.16 15.64 -20.15
N ASP F 24 2.31 14.63 -19.93
CA ASP F 24 2.00 14.19 -18.57
C ASP F 24 1.15 12.93 -18.65
N GLN F 25 1.24 12.12 -17.61
CA GLN F 25 0.58 10.82 -17.54
C GLN F 25 -0.39 10.83 -16.37
N PHE F 26 -1.65 10.48 -16.65
CA PHE F 26 -2.70 10.50 -15.66
C PHE F 26 -3.38 9.14 -15.64
N PHE F 27 -3.36 8.48 -14.48
CA PHE F 27 -4.04 7.21 -14.27
C PHE F 27 -5.20 7.42 -13.31
N GLY F 28 -6.40 7.06 -13.75
CA GLY F 28 -7.58 7.19 -12.92
C GLY F 28 -8.22 5.86 -12.62
N GLU F 29 -8.26 5.49 -11.33
CA GLU F 29 -8.76 4.20 -10.91
C GLU F 29 -9.44 4.35 -9.56
N GLY F 30 -10.26 3.35 -9.22
CA GLY F 30 -10.92 3.33 -7.93
C GLY F 30 -12.41 3.03 -7.99
N LEU F 31 -13.12 3.36 -6.92
CA LEU F 31 -14.55 3.12 -6.81
C LEU F 31 -15.24 4.41 -6.42
N PHE F 32 -16.37 4.69 -7.06
CA PHE F 32 -17.14 5.91 -6.83
C PHE F 32 -18.59 5.52 -6.61
N GLU F 33 -19.01 5.50 -5.34
CA GLU F 33 -20.36 5.09 -4.95
C GLU F 33 -21.08 6.27 -4.33
N TYR F 34 -22.33 6.48 -4.74
CA TYR F 34 -23.15 7.57 -4.23
C TYR F 34 -24.50 7.04 -3.80
N ASP F 35 -24.91 7.38 -2.58
CA ASP F 35 -26.23 7.07 -2.06
C ASP F 35 -26.84 8.37 -1.54
N LEU F 36 -28.02 8.72 -2.06
CA LEU F 36 -28.61 10.02 -1.76
C LEU F 36 -29.72 9.96 -0.70
N LEU F 37 -30.62 8.99 -0.79
CA LEU F 37 -31.69 8.86 0.18
C LEU F 37 -32.05 7.39 0.38
N PRO F 38 -31.18 6.60 1.01
CA PRO F 38 -31.53 5.21 1.28
C PRO F 38 -32.55 5.07 2.41
N PHE F 39 -33.76 4.63 2.08
CA PHE F 39 -34.77 4.35 3.08
C PHE F 39 -34.65 2.94 3.65
N LEU F 40 -34.53 1.92 2.80
CA LEU F 40 -34.17 0.58 3.26
C LEU F 40 -33.34 -0.06 2.16
N SER F 41 -32.04 -0.19 2.41
CA SER F 41 -31.14 -0.73 1.39
C SER F 41 -29.94 -1.34 2.08
N SER F 42 -29.17 -2.10 1.30
CA SER F 42 -27.98 -2.78 1.80
C SER F 42 -26.97 -2.82 0.67
N THR F 43 -26.07 -1.84 0.65
CA THR F 43 -25.03 -1.80 -0.36
C THR F 43 -23.82 -2.59 0.11
N ILE F 44 -23.44 -3.60 -0.67
CA ILE F 44 -22.33 -4.48 -0.36
C ILE F 44 -21.33 -4.33 -1.51
N SER F 45 -20.29 -3.52 -1.31
CA SER F 45 -19.30 -3.23 -2.35
C SER F 45 -17.90 -3.38 -1.80
N PRO F 46 -17.47 -4.61 -1.53
CA PRO F 46 -16.06 -4.83 -1.16
C PRO F 46 -15.14 -4.38 -2.27
N TYR F 47 -13.97 -3.86 -1.88
CA TYR F 47 -12.98 -3.35 -2.82
C TYR F 47 -11.65 -4.00 -2.50
N TYR F 48 -11.30 -5.03 -3.28
CA TYR F 48 -10.03 -5.73 -3.16
C TYR F 48 -9.08 -5.17 -4.20
N ARG F 49 -7.88 -4.77 -3.77
CA ARG F 49 -6.90 -4.17 -4.65
C ARG F 49 -5.56 -4.86 -4.42
N GLN F 50 -4.92 -5.30 -5.50
CA GLN F 50 -3.62 -5.94 -5.44
C GLN F 50 -2.77 -5.45 -6.60
N SER F 51 -1.74 -4.67 -6.29
CA SER F 51 -0.86 -4.09 -7.29
C SER F 51 0.53 -4.70 -7.16
N LEU F 52 0.93 -5.45 -8.18
CA LEU F 52 2.25 -6.08 -8.20
C LEU F 52 3.27 -5.11 -8.75
N PHE F 53 4.44 -5.60 -9.15
CA PHE F 53 5.54 -4.78 -9.62
C PHE F 53 5.05 -3.60 -10.44
N ARG F 54 5.40 -2.40 -10.00
CA ARG F 54 5.05 -1.16 -10.70
C ARG F 54 6.28 -0.29 -10.75
N THR F 55 6.70 0.07 -11.96
CA THR F 55 7.89 0.88 -12.18
C THR F 55 7.49 2.15 -12.90
N VAL F 56 7.74 3.30 -12.27
CA VAL F 56 7.41 4.60 -12.84
C VAL F 56 8.70 5.41 -12.88
N LEU F 57 9.09 5.83 -14.08
CA LEU F 57 10.31 6.58 -14.29
C LEU F 57 10.00 7.95 -14.87
N ASP F 58 10.80 8.93 -14.45
CA ASP F 58 10.71 10.28 -14.98
C ASP F 58 12.11 10.87 -15.03
N SER F 59 12.44 11.48 -16.16
CA SER F 59 13.78 12.02 -16.36
C SER F 59 13.73 13.16 -17.35
N GLY F 60 14.63 14.13 -17.18
CA GLY F 60 14.81 15.16 -18.18
C GLY F 60 15.61 14.61 -19.35
N ILE F 61 16.76 14.02 -19.05
CA ILE F 61 17.61 13.36 -20.03
C ILE F 61 17.90 11.95 -19.53
N SER F 62 17.67 10.97 -20.37
CA SER F 62 17.91 9.56 -20.04
C SER F 62 18.81 8.95 -21.10
N GLU F 63 20.00 8.51 -20.67
CA GLU F 63 20.96 7.86 -21.55
C GLU F 63 21.37 6.54 -20.90
N VAL F 64 21.00 5.43 -21.53
CA VAL F 64 21.27 4.11 -21.00
C VAL F 64 22.15 3.36 -22.00
N ARG F 65 23.25 2.79 -21.50
CA ARG F 65 24.19 2.04 -22.31
C ARG F 65 24.33 0.66 -21.71
N SER F 66 24.10 -0.38 -22.52
CA SER F 66 24.01 -1.74 -22.03
C SER F 66 25.00 -2.62 -22.76
N ASP F 67 25.03 -3.88 -22.34
CA ASP F 67 25.85 -4.91 -22.96
C ASP F 67 25.01 -6.18 -23.01
N ARG F 68 25.63 -7.32 -23.25
CA ARG F 68 24.87 -8.55 -23.46
C ARG F 68 24.18 -8.97 -22.17
N ASP F 69 23.15 -8.21 -21.79
CA ASP F 69 22.39 -8.48 -20.58
C ASP F 69 21.50 -9.70 -20.74
N LYS F 70 20.82 -10.05 -19.65
CA LYS F 70 19.80 -11.09 -19.65
C LYS F 70 18.71 -10.70 -18.66
N PHE F 71 17.51 -10.47 -19.17
CA PHE F 71 16.34 -10.16 -18.36
C PHE F 71 15.38 -11.34 -18.43
N VAL F 72 15.05 -11.90 -17.27
CA VAL F 72 14.21 -13.10 -17.19
C VAL F 72 13.07 -12.81 -16.23
N ILE F 73 11.86 -13.17 -16.64
CA ILE F 73 10.66 -13.08 -15.81
C ILE F 73 9.93 -14.40 -15.92
N PHE F 74 9.73 -15.06 -14.78
CA PHE F 74 9.21 -16.42 -14.74
C PHE F 74 7.91 -16.41 -13.96
N LEU F 75 6.83 -16.88 -14.59
CA LEU F 75 5.48 -16.84 -14.00
C LEU F 75 4.92 -18.26 -13.97
N ASP F 76 5.17 -18.96 -12.86
CA ASP F 76 4.51 -20.24 -12.63
C ASP F 76 3.30 -20.03 -11.73
N VAL F 77 2.11 -20.20 -12.29
CA VAL F 77 0.87 -19.92 -11.57
C VAL F 77 -0.07 -21.12 -11.66
N LYS F 78 -0.06 -21.97 -10.64
CA LYS F 78 -0.98 -23.09 -10.56
C LYS F 78 -2.32 -22.71 -9.94
N HIS F 79 -2.97 -21.68 -10.49
CA HIS F 79 -4.24 -21.20 -9.96
C HIS F 79 -5.25 -22.33 -9.90
N PHE F 80 -5.67 -22.69 -8.69
CA PHE F 80 -6.63 -23.76 -8.45
C PHE F 80 -7.84 -23.16 -7.74
N SER F 81 -8.98 -23.13 -8.42
CA SER F 81 -10.17 -22.55 -7.83
C SER F 81 -11.43 -23.04 -8.53
N PRO F 82 -11.84 -24.29 -8.28
CA PRO F 82 -13.13 -24.74 -8.80
C PRO F 82 -14.28 -23.94 -8.24
N GLU F 83 -15.32 -23.77 -9.04
CA GLU F 83 -16.47 -22.96 -8.67
C GLU F 83 -17.75 -23.79 -8.74
N ASP F 84 -18.55 -23.68 -7.67
CA ASP F 84 -19.87 -24.30 -7.61
C ASP F 84 -20.89 -23.32 -7.06
N LEU F 85 -20.80 -22.06 -7.48
CA LEU F 85 -21.64 -21.01 -6.93
C LEU F 85 -23.09 -21.19 -7.36
N THR F 86 -23.97 -20.39 -6.75
CA THR F 86 -25.38 -20.38 -7.10
C THR F 86 -26.01 -19.13 -6.52
N VAL F 87 -26.81 -18.44 -7.33
CA VAL F 87 -27.47 -17.21 -6.95
C VAL F 87 -28.97 -17.42 -7.06
N LYS F 88 -29.70 -17.03 -6.01
CA LYS F 88 -31.13 -17.24 -5.91
C LYS F 88 -31.82 -15.93 -5.57
N VAL F 89 -33.08 -15.79 -5.99
CA VAL F 89 -33.86 -14.60 -5.69
C VAL F 89 -35.27 -15.00 -5.26
#